data_6JRB
#
_entry.id   6JRB
#
_cell.length_a   74.689
_cell.length_b   90.407
_cell.length_c   113.148
_cell.angle_alpha   90.00
_cell.angle_beta   90.00
_cell.angle_gamma   90.00
#
_symmetry.space_group_name_H-M   'P 21 21 21'
#
loop_
_entity.id
_entity.type
_entity.pdbx_description
1 polymer 'Zearalenone hydrolase'
2 non-polymer (3S,7S,11E)-7,14,16-trihydroxy-3-methyl-3,4,5,6,7,8,9,10-octahydro-1H-2-benzoxacyclotetradecin-1-one
3 non-polymer GLYCEROL
4 water water
#
_entity_poly.entity_id   1
_entity_poly.type   'polypeptide(L)'
_entity_poly.pdbx_seq_one_letter_code
;MRTRSTISTPNGITWYYEQEGTGPDIVLVPDGLGECQMFDSSVSQIAAQGFRVTTFDMPGMSRSAKAPAETYTEVTAQKL
ASYVISILDALDIKHATVWGCSSGASTVVALLLGYPDRIRNAMCHELPTKLLDHLSNTAVLEDEEISNILANVMLNDVSG
GSEAWQALGVEVHARLHKNYPVFARGYPRTIPPSAPVQDVEALRGKPLDWTVGAATPTESFFDNIVTATKAGVNIGLLPG
MHFPYVSHPDVFAKYVVETTQKHLWNSSSVDKLAAALEHHHHHH
;
_entity_poly.pdbx_strand_id   A,B
#
loop_
_chem_comp.id
_chem_comp.type
_chem_comp.name
_chem_comp.formula
GOL non-polymer GLYCEROL 'C3 H8 O3'
ZHB non-polymer (3S,7S,11E)-7,14,16-trihydroxy-3-methyl-3,4,5,6,7,8,9,10-octahydro-1H-2-benzoxacyclotetradecin-1-one 'C18 H24 O5'
#
# COMPACT_ATOMS: atom_id res chain seq x y z
N MET A 1 -35.47 -1.56 17.00
CA MET A 1 -35.81 -1.31 15.55
C MET A 1 -35.06 -2.31 14.61
N ARG A 2 -34.20 -3.18 15.15
CA ARG A 2 -33.46 -4.18 14.32
C ARG A 2 -34.31 -5.44 14.23
N THR A 3 -34.58 -5.91 13.02
CA THR A 3 -35.14 -7.24 12.78
C THR A 3 -34.00 -8.25 12.74
N ARG A 4 -34.12 -9.31 13.52
CA ARG A 4 -33.13 -10.40 13.57
C ARG A 4 -33.90 -11.67 13.32
N SER A 5 -33.72 -12.27 12.16
CA SER A 5 -34.60 -13.37 11.75
C SER A 5 -33.86 -14.35 10.84
N THR A 6 -34.60 -15.33 10.30
CA THR A 6 -34.02 -16.29 9.35
C THR A 6 -34.93 -16.38 8.15
N ILE A 7 -34.36 -16.84 7.04
CA ILE A 7 -35.10 -17.02 5.79
C ILE A 7 -34.44 -18.17 5.04
N SER A 8 -35.27 -19.02 4.44
CA SER A 8 -34.79 -20.19 3.67
C SER A 8 -34.89 -19.95 2.16
N THR A 9 -33.81 -20.19 1.44
CA THR A 9 -33.75 -20.04 -0.03
C THR A 9 -33.72 -21.42 -0.65
N PRO A 10 -34.16 -21.54 -1.91
CA PRO A 10 -34.31 -22.88 -2.51
C PRO A 10 -33.02 -23.60 -2.92
N ASN A 11 -31.87 -22.95 -2.76
CA ASN A 11 -30.53 -23.58 -2.86
C ASN A 11 -30.20 -24.33 -1.56
N GLY A 12 -31.11 -24.39 -0.59
CA GLY A 12 -30.90 -25.20 0.61
C GLY A 12 -30.38 -24.44 1.80
N ILE A 13 -30.16 -23.13 1.67
CA ILE A 13 -29.57 -22.33 2.76
C ILE A 13 -30.70 -21.78 3.63
N THR A 14 -30.53 -21.90 4.94
CA THR A 14 -31.33 -21.13 5.92
C THR A 14 -30.40 -20.05 6.47
N TRP A 15 -30.69 -18.83 6.10
CA TRP A 15 -29.86 -17.66 6.43
C TRP A 15 -30.29 -17.08 7.75
N TYR A 16 -29.32 -16.67 8.57
CA TYR A 16 -29.56 -15.69 9.63
C TYR A 16 -29.33 -14.30 9.04
N TYR A 17 -30.28 -13.41 9.21
CA TYR A 17 -30.16 -12.04 8.65
C TYR A 17 -30.65 -11.00 9.64
N GLU A 18 -30.18 -9.78 9.44
CA GLU A 18 -30.66 -8.63 10.19
C GLU A 18 -31.04 -7.51 9.23
N GLN A 19 -31.98 -6.67 9.65
CA GLN A 19 -32.44 -5.55 8.83
C GLN A 19 -32.89 -4.42 9.72
N GLU A 20 -32.53 -3.19 9.33
CA GLU A 20 -32.94 -2.00 10.08
C GLU A 20 -33.21 -0.89 9.06
N GLY A 21 -34.23 -0.08 9.32
CA GLY A 21 -34.41 1.15 8.56
C GLY A 21 -35.40 1.02 7.44
N THR A 22 -35.70 2.17 6.84
N THR A 22 -35.74 2.16 6.84
CA THR A 22 -36.58 2.35 5.67
CA THR A 22 -36.55 2.23 5.61
C THR A 22 -35.88 3.26 4.66
C THR A 22 -35.89 3.23 4.66
N GLY A 23 -36.04 2.96 3.37
CA GLY A 23 -35.44 3.76 2.30
C GLY A 23 -34.74 2.83 1.33
N PRO A 24 -33.90 3.41 0.46
CA PRO A 24 -33.12 2.62 -0.50
C PRO A 24 -32.33 1.54 0.22
N ASP A 25 -32.17 0.40 -0.46
CA ASP A 25 -31.54 -0.77 0.18
C ASP A 25 -30.00 -0.67 0.08
N ILE A 26 -29.36 -0.91 1.22
CA ILE A 26 -27.91 -1.10 1.33
C ILE A 26 -27.72 -2.48 1.94
N VAL A 27 -26.84 -3.27 1.34
CA VAL A 27 -26.59 -4.65 1.77
C VAL A 27 -25.09 -4.79 2.14
N LEU A 28 -24.83 -5.27 3.33
CA LEU A 28 -23.44 -5.41 3.85
C LEU A 28 -23.08 -6.89 3.86
N VAL A 29 -22.20 -7.28 2.93
CA VAL A 29 -21.78 -8.68 2.77
C VAL A 29 -20.54 -8.89 3.63
N PRO A 30 -20.52 -9.88 4.53
CA PRO A 30 -19.33 -10.12 5.33
C PRO A 30 -18.08 -10.50 4.51
N ASP A 31 -16.94 -10.31 5.18
CA ASP A 31 -15.64 -10.93 4.80
C ASP A 31 -15.78 -12.46 4.91
N GLY A 32 -14.69 -13.17 4.60
CA GLY A 32 -14.73 -14.62 4.58
C GLY A 32 -15.12 -15.28 5.87
N LEU A 33 -14.95 -14.62 7.02
CA LEU A 33 -15.37 -15.25 8.30
C LEU A 33 -16.90 -15.28 8.42
N GLY A 34 -17.61 -14.51 7.60
CA GLY A 34 -19.07 -14.69 7.40
C GLY A 34 -19.94 -14.26 8.56
N GLU A 35 -19.46 -13.34 9.40
CA GLU A 35 -20.09 -13.02 10.71
C GLU A 35 -20.66 -11.60 10.66
N CYS A 36 -21.99 -11.45 10.65
CA CYS A 36 -22.59 -10.12 10.44
C CYS A 36 -22.67 -9.27 11.71
N GLN A 37 -22.41 -9.84 12.88
CA GLN A 37 -22.41 -9.00 14.11
C GLN A 37 -21.29 -7.95 14.00
N MET A 38 -20.29 -8.17 13.16
CA MET A 38 -19.25 -7.14 12.93
C MET A 38 -19.83 -5.81 12.42
N PHE A 39 -21.01 -5.80 11.78
CA PHE A 39 -21.65 -4.60 11.22
C PHE A 39 -22.61 -3.91 12.22
N ASP A 40 -22.80 -4.44 13.42
CA ASP A 40 -23.90 -4.02 14.34
C ASP A 40 -23.97 -2.49 14.51
N SER A 41 -22.87 -1.87 14.90
CA SER A 41 -22.86 -0.42 15.16
C SER A 41 -23.14 0.32 13.85
N SER A 42 -22.50 -0.09 12.77
N SER A 42 -22.49 -0.08 12.77
CA SER A 42 -22.61 0.61 11.47
CA SER A 42 -22.63 0.64 11.48
C SER A 42 -24.03 0.47 10.89
C SER A 42 -24.04 0.49 10.92
N VAL A 43 -24.68 -0.67 11.08
CA VAL A 43 -26.06 -0.89 10.54
C VAL A 43 -26.96 0.22 11.11
N SER A 44 -26.89 0.48 12.41
CA SER A 44 -27.77 1.54 13.02
C SER A 44 -27.42 2.92 12.45
N GLN A 45 -26.15 3.23 12.29
CA GLN A 45 -25.69 4.58 11.86
C GLN A 45 -26.10 4.80 10.42
N ILE A 46 -25.98 3.77 9.56
CA ILE A 46 -26.37 3.90 8.14
C ILE A 46 -27.90 4.02 8.08
N ALA A 47 -28.64 3.14 8.74
CA ALA A 47 -30.12 3.13 8.63
C ALA A 47 -30.70 4.47 9.07
N ALA A 48 -30.08 5.12 10.03
CA ALA A 48 -30.55 6.41 10.61
C ALA A 48 -30.49 7.51 9.54
N GLN A 49 -29.75 7.33 8.45
CA GLN A 49 -29.65 8.34 7.38
C GLN A 49 -30.67 8.08 6.29
N GLY A 50 -31.62 7.19 6.52
CA GLY A 50 -32.75 6.97 5.60
C GLY A 50 -32.50 5.86 4.60
N PHE A 51 -32.00 4.73 5.08
CA PHE A 51 -31.73 3.53 4.24
C PHE A 51 -32.30 2.32 4.97
N ARG A 52 -32.71 1.36 4.20
CA ARG A 52 -32.99 0.01 4.74
C ARG A 52 -31.69 -0.80 4.57
N VAL A 53 -31.14 -1.20 5.68
CA VAL A 53 -29.84 -1.91 5.69
C VAL A 53 -30.10 -3.37 6.02
N THR A 54 -29.55 -4.27 5.21
CA THR A 54 -29.65 -5.70 5.41
C THR A 54 -28.24 -6.32 5.49
N THR A 55 -28.04 -7.22 6.40
CA THR A 55 -26.79 -8.03 6.44
C THR A 55 -27.14 -9.45 6.88
N PHE A 56 -26.20 -10.36 6.80
CA PHE A 56 -26.49 -11.76 7.05
C PHE A 56 -25.20 -12.49 7.32
N ASP A 57 -25.29 -13.58 8.04
CA ASP A 57 -24.15 -14.52 8.16
C ASP A 57 -24.05 -15.30 6.84
N MET A 58 -22.83 -15.61 6.42
CA MET A 58 -22.66 -16.26 5.10
C MET A 58 -22.85 -17.77 5.23
N PRO A 59 -23.15 -18.46 4.11
CA PRO A 59 -23.53 -19.87 4.18
C PRO A 59 -22.47 -20.72 4.85
N GLY A 60 -22.91 -21.54 5.81
CA GLY A 60 -22.00 -22.43 6.55
C GLY A 60 -21.31 -21.76 7.72
N MET A 61 -21.46 -20.44 7.88
CA MET A 61 -20.79 -19.63 8.90
C MET A 61 -21.79 -19.17 9.97
N SER A 62 -21.34 -19.12 11.21
CA SER A 62 -22.10 -18.53 12.32
C SER A 62 -23.54 -19.09 12.32
N ARG A 63 -24.54 -18.24 12.24
CA ARG A 63 -25.93 -18.66 12.40
C ARG A 63 -26.54 -19.06 11.03
N SER A 64 -25.81 -18.97 9.93
CA SER A 64 -26.26 -19.43 8.60
C SER A 64 -25.61 -20.81 8.31
N ALA A 65 -25.35 -21.58 9.34
CA ALA A 65 -24.68 -22.90 9.21
C ALA A 65 -25.55 -23.98 8.58
N LYS A 66 -26.87 -23.87 8.61
CA LYS A 66 -27.75 -24.84 7.91
C LYS A 66 -27.75 -24.59 6.42
N ALA A 67 -26.79 -25.20 5.75
CA ALA A 67 -26.58 -25.00 4.32
C ALA A 67 -25.89 -26.24 3.78
N PRO A 68 -26.08 -26.54 2.51
CA PRO A 68 -25.44 -27.70 1.88
C PRO A 68 -23.94 -27.47 1.78
N ALA A 69 -23.17 -28.56 1.80
CA ALA A 69 -21.69 -28.50 1.76
C ALA A 69 -21.16 -27.68 0.57
N GLU A 70 -21.87 -27.72 -0.56
N GLU A 70 -21.85 -27.68 -0.56
CA GLU A 70 -21.51 -27.03 -1.82
CA GLU A 70 -21.38 -27.03 -1.79
C GLU A 70 -21.30 -25.54 -1.53
C GLU A 70 -21.34 -25.51 -1.57
N THR A 71 -22.09 -24.97 -0.60
CA THR A 71 -22.14 -23.48 -0.38
C THR A 71 -20.95 -23.03 0.43
N TYR A 72 -20.20 -23.92 1.10
CA TYR A 72 -19.06 -23.50 1.93
C TYR A 72 -17.80 -24.33 1.60
N THR A 73 -17.82 -25.03 0.47
CA THR A 73 -16.57 -25.71 0.00
C THR A 73 -16.33 -25.25 -1.43
N GLU A 74 -15.07 -25.19 -1.82
CA GLU A 74 -14.70 -24.78 -3.19
C GLU A 74 -15.47 -23.50 -3.54
N VAL A 75 -15.38 -22.53 -2.63
CA VAL A 75 -16.17 -21.30 -2.78
C VAL A 75 -15.49 -20.36 -3.79
N THR A 76 -16.31 -19.77 -4.65
CA THR A 76 -15.90 -18.80 -5.66
C THR A 76 -16.74 -17.55 -5.51
N ALA A 77 -16.25 -16.46 -6.07
CA ALA A 77 -17.00 -15.20 -6.13
C ALA A 77 -18.35 -15.42 -6.81
N GLN A 78 -18.38 -16.25 -7.84
CA GLN A 78 -19.63 -16.44 -8.63
C GLN A 78 -20.65 -17.27 -7.82
N LYS A 79 -20.18 -18.27 -7.08
CA LYS A 79 -21.09 -18.98 -6.16
C LYS A 79 -21.65 -18.01 -5.13
N LEU A 80 -20.78 -17.27 -4.45
CA LEU A 80 -21.28 -16.35 -3.39
C LEU A 80 -22.26 -15.33 -3.97
N ALA A 81 -22.01 -14.78 -5.14
CA ALA A 81 -22.90 -13.80 -5.78
C ALA A 81 -24.27 -14.45 -6.02
N SER A 82 -24.30 -15.69 -6.48
CA SER A 82 -25.57 -16.42 -6.70
C SER A 82 -26.31 -16.61 -5.36
N TYR A 83 -25.61 -16.85 -4.27
CA TYR A 83 -26.23 -17.02 -2.95
C TYR A 83 -26.78 -15.69 -2.46
N VAL A 84 -26.01 -14.60 -2.63
CA VAL A 84 -26.54 -13.30 -2.18
C VAL A 84 -27.79 -12.92 -2.99
N ILE A 85 -27.78 -13.18 -4.28
CA ILE A 85 -28.99 -12.85 -5.10
C ILE A 85 -30.17 -13.66 -4.56
N SER A 86 -29.94 -14.89 -4.14
CA SER A 86 -31.04 -15.73 -3.60
C SER A 86 -31.64 -15.08 -2.35
N ILE A 87 -30.82 -14.51 -1.47
CA ILE A 87 -31.42 -13.92 -0.25
C ILE A 87 -32.05 -12.57 -0.58
N LEU A 88 -31.50 -11.81 -1.50
CA LEU A 88 -32.15 -10.56 -1.91
C LEU A 88 -33.52 -10.89 -2.54
N ASP A 89 -33.58 -11.91 -3.39
CA ASP A 89 -34.86 -12.37 -3.96
C ASP A 89 -35.84 -12.68 -2.82
N ALA A 90 -35.40 -13.46 -1.84
CA ALA A 90 -36.30 -13.93 -0.76
C ALA A 90 -36.80 -12.75 0.06
N LEU A 91 -35.98 -11.71 0.24
CA LEU A 91 -36.32 -10.52 1.04
C LEU A 91 -36.99 -9.45 0.17
N ASP A 92 -37.21 -9.74 -1.11
CA ASP A 92 -37.85 -8.80 -2.05
C ASP A 92 -37.04 -7.52 -2.14
N ILE A 93 -35.71 -7.67 -2.21
CA ILE A 93 -34.83 -6.50 -2.45
C ILE A 93 -34.50 -6.53 -3.94
N LYS A 94 -35.07 -5.59 -4.68
N LYS A 94 -35.09 -5.61 -4.69
CA LYS A 94 -34.96 -5.54 -6.15
CA LYS A 94 -34.94 -5.56 -6.16
C LYS A 94 -33.73 -4.75 -6.60
C LYS A 94 -33.66 -4.81 -6.54
N HIS A 95 -33.38 -3.69 -5.87
CA HIS A 95 -32.27 -2.79 -6.25
C HIS A 95 -31.45 -2.52 -5.00
N ALA A 96 -30.15 -2.81 -5.04
CA ALA A 96 -29.36 -2.66 -3.78
C ALA A 96 -27.99 -2.04 -4.08
N THR A 97 -27.58 -1.21 -3.13
CA THR A 97 -26.16 -0.84 -2.97
C THR A 97 -25.57 -1.99 -2.16
N VAL A 98 -24.32 -2.39 -2.48
CA VAL A 98 -23.68 -3.51 -1.80
C VAL A 98 -22.27 -3.12 -1.37
N TRP A 99 -21.88 -3.64 -0.21
CA TRP A 99 -20.53 -3.50 0.36
C TRP A 99 -19.98 -4.89 0.57
N GLY A 100 -18.71 -5.09 0.27
CA GLY A 100 -18.03 -6.28 0.77
C GLY A 100 -16.53 -6.13 0.85
N CYS A 101 -15.96 -6.82 1.83
CA CYS A 101 -14.51 -6.94 2.04
C CYS A 101 -14.05 -8.37 1.74
N SER A 102 -12.83 -8.54 1.22
CA SER A 102 -12.21 -9.87 1.04
C SER A 102 -13.05 -10.70 0.08
N SER A 103 -13.47 -11.90 0.46
CA SER A 103 -14.39 -12.69 -0.37
C SER A 103 -15.69 -11.94 -0.60
N GLY A 104 -16.08 -11.09 0.32
CA GLY A 104 -17.25 -10.23 0.11
C GLY A 104 -16.99 -9.20 -0.96
N ALA A 105 -15.74 -8.73 -1.11
CA ALA A 105 -15.37 -7.80 -2.19
C ALA A 105 -15.47 -8.54 -3.52
N SER A 106 -14.93 -9.77 -3.58
CA SER A 106 -15.07 -10.56 -4.83
C SER A 106 -16.55 -10.74 -5.17
N THR A 107 -17.36 -11.05 -4.17
CA THR A 107 -18.82 -11.22 -4.29
C THR A 107 -19.46 -9.97 -4.88
N VAL A 108 -19.21 -8.77 -4.30
CA VAL A 108 -19.92 -7.58 -4.78
C VAL A 108 -19.49 -7.17 -6.19
N VAL A 109 -18.25 -7.41 -6.59
CA VAL A 109 -17.87 -7.14 -7.98
C VAL A 109 -18.57 -8.16 -8.89
N ALA A 110 -18.64 -9.44 -8.50
CA ALA A 110 -19.35 -10.43 -9.32
C ALA A 110 -20.84 -10.07 -9.40
N LEU A 111 -21.42 -9.55 -8.34
CA LEU A 111 -22.84 -9.10 -8.33
C LEU A 111 -23.06 -7.95 -9.31
N LEU A 112 -22.18 -6.94 -9.26
CA LEU A 112 -22.38 -5.76 -10.12
C LEU A 112 -22.23 -6.23 -11.58
N LEU A 113 -21.23 -7.05 -11.91
CA LEU A 113 -20.99 -7.46 -13.31
C LEU A 113 -22.06 -8.44 -13.76
N GLY A 114 -22.50 -9.32 -12.90
CA GLY A 114 -23.37 -10.45 -13.30
C GLY A 114 -24.82 -10.08 -13.24
N TYR A 115 -25.20 -9.13 -12.41
CA TYR A 115 -26.61 -8.74 -12.15
C TYR A 115 -26.74 -7.24 -12.16
N PRO A 116 -26.42 -6.54 -13.27
CA PRO A 116 -26.36 -5.08 -13.24
C PRO A 116 -27.71 -4.42 -12.99
N ASP A 117 -28.82 -5.11 -13.32
CA ASP A 117 -30.14 -4.52 -13.08
C ASP A 117 -30.42 -4.52 -11.58
N ARG A 118 -29.71 -5.32 -10.78
CA ARG A 118 -30.05 -5.48 -9.35
C ARG A 118 -29.16 -4.57 -8.49
N ILE A 119 -28.04 -4.12 -9.01
CA ILE A 119 -27.00 -3.44 -8.15
C ILE A 119 -26.88 -1.99 -8.55
N ARG A 120 -27.26 -1.09 -7.65
CA ARG A 120 -27.13 0.36 -7.85
C ARG A 120 -25.64 0.73 -7.93
N ASN A 121 -24.84 0.22 -7.00
CA ASN A 121 -23.41 0.52 -6.90
C ASN A 121 -22.81 -0.47 -5.89
N ALA A 122 -21.53 -0.75 -6.04
CA ALA A 122 -20.80 -1.70 -5.18
C ALA A 122 -19.58 -1.02 -4.60
N MET A 123 -19.34 -1.27 -3.33
CA MET A 123 -18.12 -0.82 -2.63
C MET A 123 -17.33 -2.09 -2.31
N CYS A 124 -16.13 -2.21 -2.84
CA CYS A 124 -15.28 -3.38 -2.58
C CYS A 124 -14.06 -2.91 -1.80
N HIS A 125 -13.65 -3.74 -0.86
CA HIS A 125 -12.50 -3.42 0.04
C HIS A 125 -11.59 -4.65 0.04
N GLU A 126 -10.32 -4.45 -0.30
CA GLU A 126 -9.30 -5.49 -0.10
C GLU A 126 -9.78 -6.81 -0.72
N LEU A 127 -9.72 -6.85 -2.05
CA LEU A 127 -10.22 -7.99 -2.83
C LEU A 127 -9.05 -8.92 -3.12
N PRO A 128 -9.09 -10.19 -2.67
CA PRO A 128 -7.94 -11.09 -2.82
C PRO A 128 -7.88 -11.69 -4.22
N THR A 129 -6.78 -11.43 -4.92
CA THR A 129 -6.59 -11.92 -6.30
C THR A 129 -5.41 -12.87 -6.40
N LYS A 130 -4.71 -13.11 -5.31
CA LYS A 130 -3.51 -13.96 -5.31
C LYS A 130 -3.65 -15.09 -4.33
N LEU A 131 -3.23 -16.25 -4.76
CA LEU A 131 -3.09 -17.39 -3.80
C LEU A 131 -1.99 -17.10 -2.79
N LEU A 132 -2.20 -17.46 -1.54
CA LEU A 132 -1.20 -17.31 -0.47
C LEU A 132 -0.95 -18.71 0.10
N ASP A 133 0.20 -19.32 -0.21
CA ASP A 133 0.42 -20.75 0.12
C ASP A 133 0.34 -20.96 1.63
N HIS A 134 0.84 -20.04 2.44
CA HIS A 134 0.84 -20.23 3.92
C HIS A 134 -0.62 -20.28 4.40
N LEU A 135 -1.51 -19.49 3.80
CA LEU A 135 -2.92 -19.52 4.21
C LEU A 135 -3.55 -20.81 3.67
N SER A 136 -3.36 -21.13 2.38
CA SER A 136 -3.91 -22.34 1.76
C SER A 136 -3.48 -23.58 2.57
N ASN A 137 -2.26 -23.59 3.08
CA ASN A 137 -1.70 -24.79 3.79
C ASN A 137 -2.39 -25.01 5.14
N THR A 138 -3.08 -24.01 5.71
CA THR A 138 -3.82 -24.25 6.98
C THR A 138 -4.96 -25.24 6.78
N ALA A 139 -5.44 -25.46 5.54
CA ALA A 139 -6.59 -26.36 5.27
C ALA A 139 -6.34 -27.80 5.73
N VAL A 140 -5.10 -28.26 5.73
CA VAL A 140 -4.84 -29.69 6.06
C VAL A 140 -4.62 -29.86 7.57
N LEU A 141 -4.65 -28.79 8.37
CA LEU A 141 -4.40 -28.92 9.83
C LEU A 141 -5.70 -29.32 10.51
N GLU A 142 -5.60 -29.67 11.79
CA GLU A 142 -6.80 -30.04 12.57
C GLU A 142 -7.55 -28.73 12.90
N ASP A 143 -8.83 -28.85 13.16
CA ASP A 143 -9.75 -27.71 13.44
C ASP A 143 -9.16 -26.80 14.51
N GLU A 144 -8.76 -27.35 15.67
CA GLU A 144 -8.28 -26.52 16.79
C GLU A 144 -7.03 -25.73 16.39
N GLU A 145 -6.15 -26.33 15.59
N GLU A 145 -6.13 -26.29 15.59
CA GLU A 145 -4.92 -25.64 15.12
CA GLU A 145 -4.94 -25.51 15.20
C GLU A 145 -5.33 -24.48 14.19
C GLU A 145 -5.33 -24.44 14.17
N ILE A 146 -6.22 -24.74 13.23
CA ILE A 146 -6.72 -23.67 12.29
C ILE A 146 -7.28 -22.52 13.14
N SER A 147 -8.16 -22.82 14.09
CA SER A 147 -8.80 -21.78 14.91
C SER A 147 -7.74 -20.98 15.68
N ASN A 148 -6.75 -21.66 16.28
N ASN A 148 -6.75 -21.65 16.28
CA ASN A 148 -5.67 -20.97 17.05
CA ASN A 148 -5.69 -20.93 17.05
C ASN A 148 -4.88 -20.03 16.12
C ASN A 148 -4.88 -20.02 16.12
N ILE A 149 -4.45 -20.52 14.97
CA ILE A 149 -3.63 -19.74 14.02
C ILE A 149 -4.44 -18.51 13.54
N LEU A 150 -5.63 -18.77 13.02
CA LEU A 150 -6.37 -17.66 12.37
C LEU A 150 -6.87 -16.67 13.39
N ALA A 151 -7.32 -17.08 14.58
CA ALA A 151 -7.74 -16.15 15.64
C ALA A 151 -6.60 -15.17 15.95
N ASN A 152 -5.35 -15.66 16.00
CA ASN A 152 -4.15 -14.84 16.28
C ASN A 152 -3.89 -13.86 15.14
N VAL A 153 -4.02 -14.33 13.90
CA VAL A 153 -3.80 -13.48 12.69
C VAL A 153 -4.82 -12.33 12.72
N MET A 154 -6.07 -12.63 13.03
CA MET A 154 -7.09 -11.56 13.01
C MET A 154 -6.77 -10.57 14.13
N LEU A 155 -6.52 -11.08 15.34
CA LEU A 155 -6.35 -10.17 16.50
C LEU A 155 -5.09 -9.30 16.29
N ASN A 156 -3.97 -9.90 15.97
CA ASN A 156 -2.64 -9.25 16.07
C ASN A 156 -2.17 -8.69 14.73
N ASP A 157 -2.66 -9.15 13.60
CA ASP A 157 -2.06 -8.80 12.31
C ASP A 157 -3.00 -7.92 11.48
N VAL A 158 -4.29 -8.23 11.36
CA VAL A 158 -5.09 -7.57 10.27
C VAL A 158 -6.39 -6.94 10.77
N SER A 159 -6.67 -6.93 12.08
CA SER A 159 -7.94 -6.37 12.60
C SER A 159 -7.93 -4.85 12.38
N GLY A 160 -6.75 -4.21 12.34
CA GLY A 160 -6.64 -2.74 12.25
C GLY A 160 -7.04 -2.07 13.54
N GLY A 161 -7.26 -2.83 14.61
CA GLY A 161 -7.67 -2.30 15.92
C GLY A 161 -7.92 -3.42 16.90
N SER A 162 -6.90 -3.85 17.64
CA SER A 162 -7.03 -5.07 18.46
C SER A 162 -8.09 -4.87 19.57
N GLU A 163 -8.19 -3.68 20.15
N GLU A 163 -8.15 -3.68 20.15
CA GLU A 163 -9.16 -3.44 21.23
CA GLU A 163 -9.14 -3.42 21.23
C GLU A 163 -10.59 -3.55 20.70
C GLU A 163 -10.56 -3.61 20.66
N ALA A 164 -10.86 -2.97 19.51
CA ALA A 164 -12.18 -3.09 18.89
C ALA A 164 -12.47 -4.54 18.52
N TRP A 165 -11.48 -5.27 18.06
CA TRP A 165 -11.60 -6.71 17.70
C TRP A 165 -11.99 -7.53 18.95
N GLN A 166 -11.29 -7.33 20.06
N GLN A 166 -11.27 -7.33 20.05
CA GLN A 166 -11.59 -8.08 21.31
CA GLN A 166 -11.56 -8.04 21.34
C GLN A 166 -13.00 -7.70 21.79
C GLN A 166 -12.99 -7.70 21.78
N ALA A 167 -13.39 -6.43 21.63
CA ALA A 167 -14.69 -5.89 22.11
C ALA A 167 -15.86 -6.46 21.30
N LEU A 168 -15.63 -7.23 20.21
CA LEU A 168 -16.76 -7.92 19.56
C LEU A 168 -17.41 -8.83 20.60
N GLY A 169 -16.65 -9.33 21.56
CA GLY A 169 -17.21 -10.06 22.71
C GLY A 169 -17.13 -11.56 22.57
N VAL A 170 -17.33 -12.24 23.70
N VAL A 170 -17.42 -12.24 23.67
CA VAL A 170 -17.07 -13.69 23.82
CA VAL A 170 -17.24 -13.72 23.80
C VAL A 170 -17.99 -14.48 22.87
C VAL A 170 -18.14 -14.46 22.81
N GLU A 171 -19.25 -14.06 22.69
N GLU A 171 -19.40 -14.04 22.64
CA GLU A 171 -20.22 -14.82 21.84
CA GLU A 171 -20.33 -14.83 21.79
C GLU A 171 -19.72 -14.79 20.38
C GLU A 171 -19.85 -14.76 20.32
N VAL A 172 -19.37 -13.61 19.89
CA VAL A 172 -18.89 -13.48 18.48
C VAL A 172 -17.64 -14.35 18.33
N HIS A 173 -16.69 -14.24 19.23
CA HIS A 173 -15.43 -14.99 19.09
C HIS A 173 -15.70 -16.50 19.16
N ALA A 174 -16.74 -16.94 19.89
CA ALA A 174 -17.09 -18.38 19.94
C ALA A 174 -17.63 -18.83 18.58
N ARG A 175 -18.38 -17.95 17.90
CA ARG A 175 -18.86 -18.29 16.54
C ARG A 175 -17.67 -18.28 15.56
N LEU A 176 -16.79 -17.31 15.67
CA LEU A 176 -15.65 -17.23 14.73
C LEU A 176 -14.78 -18.47 14.93
N HIS A 177 -14.61 -18.91 16.17
CA HIS A 177 -13.82 -20.13 16.50
C HIS A 177 -14.26 -21.27 15.61
N LYS A 178 -15.57 -21.50 15.46
CA LYS A 178 -16.12 -22.57 14.63
C LYS A 178 -16.00 -22.23 13.13
N ASN A 179 -16.00 -20.95 12.78
CA ASN A 179 -15.94 -20.56 11.34
C ASN A 179 -14.52 -20.75 10.75
N TYR A 180 -13.47 -20.58 11.55
CA TYR A 180 -12.08 -20.57 11.03
C TYR A 180 -11.76 -21.79 10.19
N PRO A 181 -12.09 -23.02 10.63
CA PRO A 181 -11.83 -24.21 9.82
C PRO A 181 -12.70 -24.28 8.58
N VAL A 182 -13.95 -23.80 8.67
CA VAL A 182 -14.82 -23.79 7.48
C VAL A 182 -14.21 -22.83 6.44
N PHE A 183 -13.87 -21.63 6.87
CA PHE A 183 -13.23 -20.63 6.00
C PHE A 183 -11.91 -21.19 5.39
N ALA A 184 -11.05 -21.76 6.23
CA ALA A 184 -9.73 -22.25 5.76
C ALA A 184 -9.90 -23.33 4.70
N ARG A 185 -10.86 -24.23 4.88
N ARG A 185 -10.86 -24.21 4.86
CA ARG A 185 -11.01 -25.38 3.96
CA ARG A 185 -10.99 -25.36 3.94
C ARG A 185 -11.76 -24.94 2.70
C ARG A 185 -11.77 -24.95 2.70
N GLY A 186 -12.59 -23.89 2.75
CA GLY A 186 -13.46 -23.58 1.62
C GLY A 186 -13.07 -22.39 0.78
N TYR A 187 -12.22 -21.46 1.25
CA TYR A 187 -12.09 -20.13 0.62
C TYR A 187 -10.72 -19.89 -0.02
N PRO A 188 -9.60 -19.97 0.70
CA PRO A 188 -8.32 -19.43 0.21
C PRO A 188 -7.74 -20.08 -1.05
N ARG A 189 -8.12 -21.32 -1.36
CA ARG A 189 -7.62 -22.02 -2.58
C ARG A 189 -8.48 -21.68 -3.79
N THR A 190 -9.72 -21.23 -3.62
CA THR A 190 -10.66 -21.09 -4.74
C THR A 190 -11.14 -19.65 -4.94
N ILE A 191 -11.12 -18.81 -3.88
CA ILE A 191 -11.58 -17.40 -4.05
C ILE A 191 -10.63 -16.63 -4.97
N PRO A 192 -9.29 -16.69 -4.81
CA PRO A 192 -8.44 -15.82 -5.62
C PRO A 192 -8.51 -16.09 -7.12
N PRO A 193 -8.50 -17.35 -7.59
CA PRO A 193 -8.59 -17.58 -9.02
C PRO A 193 -9.92 -17.15 -9.63
N SER A 194 -10.97 -17.02 -8.82
CA SER A 194 -12.31 -16.62 -9.27
C SER A 194 -12.46 -15.09 -9.28
N ALA A 195 -11.42 -14.32 -8.95
CA ALA A 195 -11.54 -12.84 -8.80
C ALA A 195 -12.10 -12.27 -10.09
N PRO A 196 -13.20 -11.51 -10.05
CA PRO A 196 -13.85 -10.99 -11.25
C PRO A 196 -13.18 -9.72 -11.76
N VAL A 197 -11.85 -9.68 -11.69
CA VAL A 197 -11.08 -8.47 -12.14
C VAL A 197 -10.05 -8.85 -13.19
N GLN A 198 -10.18 -10.03 -13.84
N GLN A 198 -10.19 -10.04 -13.80
CA GLN A 198 -9.33 -10.52 -14.96
CA GLN A 198 -9.36 -10.52 -14.93
C GLN A 198 -9.54 -9.57 -16.15
C GLN A 198 -9.54 -9.56 -16.12
N ASP A 199 -10.74 -9.02 -16.33
CA ASP A 199 -11.07 -8.18 -17.51
C ASP A 199 -11.21 -6.74 -17.05
N VAL A 200 -10.13 -5.99 -17.15
CA VAL A 200 -10.09 -4.58 -16.72
C VAL A 200 -11.16 -3.80 -17.48
N GLU A 201 -11.34 -4.07 -18.77
CA GLU A 201 -12.28 -3.27 -19.58
C GLU A 201 -13.70 -3.50 -19.09
N ALA A 202 -14.02 -4.67 -18.53
CA ALA A 202 -15.37 -4.95 -17.98
C ALA A 202 -15.67 -4.03 -16.78
N LEU A 203 -14.65 -3.59 -16.06
CA LEU A 203 -14.83 -2.70 -14.88
C LEU A 203 -15.03 -1.25 -15.32
N ARG A 204 -14.54 -0.86 -16.50
CA ARG A 204 -14.49 0.58 -16.88
C ARG A 204 -15.90 1.17 -16.97
N GLY A 205 -16.12 2.29 -16.31
CA GLY A 205 -17.40 3.04 -16.30
C GLY A 205 -18.46 2.41 -15.41
N LYS A 206 -18.13 1.38 -14.62
CA LYS A 206 -19.13 0.75 -13.73
C LYS A 206 -19.19 1.48 -12.39
N PRO A 207 -20.35 1.45 -11.70
CA PRO A 207 -20.51 2.19 -10.43
C PRO A 207 -19.88 1.42 -9.26
N LEU A 208 -18.57 1.45 -9.26
CA LEU A 208 -17.72 0.67 -8.33
C LEU A 208 -16.85 1.68 -7.59
N ASP A 209 -16.76 1.54 -6.27
CA ASP A 209 -15.87 2.36 -5.42
C ASP A 209 -15.02 1.39 -4.61
N TRP A 210 -13.71 1.47 -4.78
CA TRP A 210 -12.77 0.46 -4.26
C TRP A 210 -11.96 1.11 -3.14
N THR A 211 -11.73 0.39 -2.06
CA THR A 211 -10.88 0.86 -0.95
C THR A 211 -9.88 -0.20 -0.53
N VAL A 212 -8.79 0.27 0.09
CA VAL A 212 -7.78 -0.56 0.80
C VAL A 212 -7.60 0.11 2.16
N GLY A 213 -7.18 -0.67 3.15
CA GLY A 213 -6.91 -0.14 4.48
C GLY A 213 -5.67 0.75 4.47
N ALA A 214 -5.75 1.91 5.10
CA ALA A 214 -4.60 2.84 5.16
C ALA A 214 -3.38 2.19 5.84
N ALA A 215 -3.58 1.37 6.85
CA ALA A 215 -2.47 0.79 7.64
C ALA A 215 -2.06 -0.56 7.08
N THR A 216 -2.81 -1.12 6.13
CA THR A 216 -2.49 -2.42 5.53
C THR A 216 -1.11 -2.30 4.89
N PRO A 217 -0.21 -3.28 5.04
CA PRO A 217 1.06 -3.24 4.33
C PRO A 217 0.83 -3.12 2.82
N THR A 218 1.60 -2.25 2.15
CA THR A 218 1.43 -1.98 0.71
C THR A 218 1.30 -3.28 -0.09
N GLU A 219 2.14 -4.26 0.20
N GLU A 219 2.13 -4.29 0.20
CA GLU A 219 2.18 -5.50 -0.60
CA GLU A 219 2.17 -5.50 -0.66
C GLU A 219 0.79 -6.17 -0.67
C GLU A 219 0.83 -6.26 -0.62
N SER A 220 0.04 -6.14 0.43
CA SER A 220 -1.17 -7.01 0.57
C SER A 220 -2.14 -6.75 -0.59
N PHE A 221 -2.46 -5.49 -0.87
CA PHE A 221 -3.48 -5.15 -1.89
C PHE A 221 -2.95 -4.14 -2.90
N PHE A 222 -1.62 -4.12 -3.09
CA PHE A 222 -0.97 -3.37 -4.17
C PHE A 222 -1.69 -3.60 -5.49
N ASP A 223 -2.07 -4.86 -5.75
CA ASP A 223 -2.66 -5.25 -7.06
C ASP A 223 -4.05 -4.59 -7.22
N ASN A 224 -4.73 -4.35 -6.12
CA ASN A 224 -6.06 -3.71 -6.20
C ASN A 224 -5.86 -2.30 -6.70
N ILE A 225 -4.88 -1.59 -6.14
CA ILE A 225 -4.67 -0.18 -6.53
C ILE A 225 -4.33 -0.08 -8.02
N VAL A 226 -3.45 -0.95 -8.48
CA VAL A 226 -3.07 -0.99 -9.91
C VAL A 226 -4.30 -1.27 -10.77
N THR A 227 -5.04 -2.31 -10.44
CA THR A 227 -6.22 -2.70 -11.26
C THR A 227 -7.24 -1.58 -11.30
N ALA A 228 -7.59 -1.02 -10.14
CA ALA A 228 -8.62 0.04 -10.10
C ALA A 228 -8.15 1.21 -10.96
N THR A 229 -6.87 1.59 -10.84
CA THR A 229 -6.34 2.76 -11.60
C THR A 229 -6.42 2.45 -13.10
N LYS A 230 -6.04 1.24 -13.51
CA LYS A 230 -6.08 0.88 -14.94
C LYS A 230 -7.50 0.95 -15.46
N ALA A 231 -8.48 0.65 -14.62
CA ALA A 231 -9.90 0.62 -15.02
C ALA A 231 -10.58 1.98 -14.83
N GLY A 232 -9.89 2.98 -14.28
CA GLY A 232 -10.47 4.30 -14.04
C GLY A 232 -11.49 4.26 -12.92
N VAL A 233 -11.44 3.24 -12.07
CA VAL A 233 -12.37 3.08 -10.94
C VAL A 233 -11.88 3.93 -9.78
N ASN A 234 -12.80 4.61 -9.11
N ASN A 234 -12.80 4.58 -9.10
CA ASN A 234 -12.51 5.32 -7.85
CA ASN A 234 -12.51 5.39 -7.89
C ASN A 234 -11.81 4.38 -6.88
C ASN A 234 -11.88 4.51 -6.81
N ILE A 235 -10.65 4.81 -6.40
CA ILE A 235 -9.86 3.97 -5.46
C ILE A 235 -9.40 4.91 -4.36
N GLY A 236 -9.54 4.47 -3.12
CA GLY A 236 -9.18 5.31 -1.98
C GLY A 236 -8.88 4.46 -0.77
N LEU A 237 -8.76 5.12 0.37
CA LEU A 237 -8.37 4.43 1.60
C LEU A 237 -9.43 4.61 2.70
N LEU A 238 -9.56 3.61 3.55
CA LEU A 238 -10.30 3.75 4.81
C LEU A 238 -9.27 3.56 5.90
N PRO A 239 -9.54 4.10 7.09
CA PRO A 239 -8.65 3.89 8.20
C PRO A 239 -8.61 2.42 8.55
N GLY A 240 -7.53 2.01 9.18
CA GLY A 240 -7.39 0.62 9.68
C GLY A 240 -6.89 -0.33 8.60
N MET A 241 -7.34 -1.56 8.68
CA MET A 241 -6.82 -2.63 7.81
C MET A 241 -8.01 -3.38 7.19
N HIS A 242 -8.20 -4.62 7.55
CA HIS A 242 -9.14 -5.48 6.79
C HIS A 242 -10.58 -5.33 7.27
N PHE A 243 -10.82 -4.79 8.48
CA PHE A 243 -12.18 -4.74 9.05
C PHE A 243 -12.53 -3.33 9.46
N PRO A 244 -12.67 -2.38 8.51
CA PRO A 244 -12.94 -1.00 8.90
C PRO A 244 -14.24 -0.88 9.66
N TYR A 245 -15.18 -1.77 9.40
CA TYR A 245 -16.49 -1.69 10.09
C TYR A 245 -16.34 -2.09 11.56
N VAL A 246 -15.27 -2.81 11.92
CA VAL A 246 -14.97 -3.14 13.33
C VAL A 246 -14.09 -2.04 13.90
N SER A 247 -13.00 -1.71 13.25
CA SER A 247 -11.97 -0.81 13.83
C SER A 247 -12.47 0.63 13.87
N HIS A 248 -13.23 1.06 12.86
CA HIS A 248 -13.61 2.46 12.68
C HIS A 248 -15.06 2.55 12.24
N PRO A 249 -16.02 2.07 13.06
CA PRO A 249 -17.39 1.92 12.59
C PRO A 249 -18.06 3.22 12.17
N ASP A 250 -17.74 4.34 12.79
CA ASP A 250 -18.40 5.62 12.41
C ASP A 250 -17.83 6.12 11.08
N VAL A 251 -16.53 5.95 10.83
CA VAL A 251 -15.94 6.36 9.54
C VAL A 251 -16.52 5.45 8.44
N PHE A 252 -16.57 4.16 8.73
CA PHE A 252 -17.11 3.17 7.79
C PHE A 252 -18.54 3.55 7.42
N ALA A 253 -19.40 3.77 8.42
CA ALA A 253 -20.81 4.14 8.17
C ALA A 253 -20.90 5.41 7.32
N LYS A 254 -20.10 6.43 7.64
N LYS A 254 -20.09 6.41 7.63
CA LYS A 254 -20.11 7.70 6.88
CA LYS A 254 -20.11 7.68 6.87
C LYS A 254 -19.73 7.44 5.42
C LYS A 254 -19.72 7.45 5.42
N TYR A 255 -18.74 6.57 5.19
CA TYR A 255 -18.31 6.23 3.83
C TYR A 255 -19.44 5.55 3.07
N VAL A 256 -20.11 4.59 3.69
CA VAL A 256 -21.19 3.84 3.00
C VAL A 256 -22.34 4.82 2.68
N VAL A 257 -22.68 5.68 3.62
CA VAL A 257 -23.78 6.67 3.40
C VAL A 257 -23.38 7.64 2.29
N GLU A 258 -22.21 8.25 2.35
CA GLU A 258 -21.83 9.29 1.37
C GLU A 258 -21.69 8.67 -0.01
N THR A 259 -21.15 7.46 -0.10
CA THR A 259 -20.99 6.80 -1.41
C THR A 259 -22.36 6.46 -1.98
N THR A 260 -23.26 5.95 -1.17
CA THR A 260 -24.63 5.61 -1.63
C THR A 260 -25.33 6.90 -2.09
N GLN A 261 -25.17 7.97 -1.33
CA GLN A 261 -25.79 9.28 -1.70
C GLN A 261 -25.23 9.77 -3.04
N LYS A 262 -23.93 9.60 -3.30
CA LYS A 262 -23.29 10.05 -4.54
C LYS A 262 -23.96 9.30 -5.71
N HIS A 263 -24.16 8.01 -5.58
CA HIS A 263 -24.74 7.20 -6.67
C HIS A 263 -26.25 7.45 -6.80
N LEU A 264 -26.95 7.82 -5.74
CA LEU A 264 -28.37 8.18 -5.84
C LEU A 264 -28.49 9.48 -6.65
N TRP A 265 -27.59 10.42 -6.43
CA TRP A 265 -27.57 11.72 -7.19
C TRP A 265 -27.33 11.43 -8.67
N ASN A 266 -26.28 10.66 -8.97
CA ASN A 266 -25.87 10.34 -10.37
C ASN A 266 -27.00 9.57 -11.08
N SER A 267 -27.74 8.70 -10.38
CA SER A 267 -28.82 7.86 -10.97
C SER A 267 -29.89 8.80 -11.51
N SER A 268 -30.31 9.74 -10.67
CA SER A 268 -31.29 10.81 -11.00
C SER A 268 -30.62 11.81 -11.95
N MET B 1 39.70 -1.51 -3.15
CA MET B 1 39.09 -1.23 -4.51
C MET B 1 38.12 -0.02 -4.48
N ARG B 2 37.76 0.49 -3.32
CA ARG B 2 36.77 1.58 -3.24
C ARG B 2 37.54 2.90 -3.16
N THR B 3 37.28 3.82 -4.04
CA THR B 3 37.73 5.22 -3.89
C THR B 3 36.87 5.92 -2.85
N ARG B 4 37.47 6.59 -1.90
CA ARG B 4 36.73 7.40 -0.90
C ARG B 4 37.46 8.74 -0.84
N SER B 5 36.86 9.78 -1.34
CA SER B 5 37.59 11.05 -1.54
C SER B 5 36.63 12.23 -1.47
N THR B 6 37.12 13.43 -1.82
CA THR B 6 36.32 14.66 -1.84
C THR B 6 36.57 15.37 -3.17
N ILE B 7 35.59 16.10 -3.62
CA ILE B 7 35.68 16.89 -4.86
C ILE B 7 34.79 18.12 -4.71
N SER B 8 35.29 19.27 -5.13
CA SER B 8 34.58 20.56 -5.02
C SER B 8 34.00 20.92 -6.38
N THR B 9 32.80 21.43 -6.40
CA THR B 9 32.12 21.89 -7.62
C THR B 9 31.97 23.40 -7.57
N PRO B 10 31.81 24.04 -8.73
CA PRO B 10 31.82 25.50 -8.78
C PRO B 10 30.63 26.20 -8.10
N ASN B 11 29.59 25.45 -7.70
CA ASN B 11 28.48 25.94 -6.87
C ASN B 11 28.88 26.00 -5.41
N GLY B 12 30.13 25.73 -5.05
CA GLY B 12 30.58 25.90 -3.64
C GLY B 12 30.51 24.65 -2.78
N ILE B 13 30.03 23.55 -3.30
CA ILE B 13 29.90 22.33 -2.48
C ILE B 13 31.24 21.60 -2.53
N THR B 14 31.72 21.15 -1.36
CA THR B 14 32.76 20.12 -1.28
C THR B 14 32.06 18.80 -0.95
N TRP B 15 32.02 17.92 -1.92
CA TRP B 15 31.33 16.62 -1.79
C TRP B 15 32.29 15.59 -1.24
N TYR B 16 31.79 14.74 -0.33
CA TYR B 16 32.40 13.43 -0.07
C TYR B 16 31.75 12.41 -0.99
N TYR B 17 32.57 11.67 -1.72
CA TYR B 17 32.05 10.65 -2.67
C TYR B 17 32.81 9.36 -2.53
N GLU B 18 32.20 8.29 -3.03
CA GLU B 18 32.81 6.95 -3.10
C GLU B 18 32.57 6.42 -4.50
N GLN B 19 33.47 5.59 -4.98
CA GLN B 19 33.37 5.02 -6.33
C GLN B 19 34.05 3.67 -6.36
N GLU B 20 33.40 2.70 -6.99
CA GLU B 20 33.98 1.36 -7.10
C GLU B 20 33.55 0.77 -8.43
N GLY B 21 34.49 0.07 -9.09
CA GLY B 21 34.13 -0.78 -10.23
C GLY B 21 34.44 -0.08 -11.55
N THR B 22 34.31 -0.84 -12.62
N THR B 22 34.27 -0.86 -12.61
CA THR B 22 34.43 -0.34 -14.00
CA THR B 22 34.48 -0.44 -14.01
C THR B 22 33.28 -0.90 -14.81
C THR B 22 33.29 -0.93 -14.83
N GLY B 23 32.83 -0.10 -15.76
CA GLY B 23 31.72 -0.43 -16.63
C GLY B 23 30.77 0.74 -16.68
N PRO B 24 29.55 0.51 -17.19
CA PRO B 24 28.57 1.57 -17.26
C PRO B 24 28.29 2.15 -15.86
N ASP B 25 28.00 3.44 -15.84
CA ASP B 25 27.86 4.19 -14.59
C ASP B 25 26.48 3.96 -13.97
N ILE B 26 26.51 3.69 -12.68
CA ILE B 26 25.34 3.65 -11.78
C ILE B 26 25.64 4.60 -10.65
N VAL B 27 24.71 5.48 -10.35
CA VAL B 27 24.85 6.53 -9.34
C VAL B 27 23.72 6.32 -8.31
N LEU B 28 24.09 6.21 -7.04
CA LEU B 28 23.13 5.97 -5.94
C LEU B 28 22.99 7.28 -5.18
N VAL B 29 21.83 7.91 -5.32
CA VAL B 29 21.54 9.20 -4.64
C VAL B 29 20.90 8.89 -3.30
N PRO B 30 21.43 9.41 -2.17
CA PRO B 30 20.79 9.16 -0.89
C PRO B 30 19.37 9.78 -0.79
N ASP B 31 18.64 9.22 0.15
CA ASP B 31 17.42 9.80 0.74
C ASP B 31 17.76 11.11 1.45
N GLY B 32 16.74 11.75 2.03
CA GLY B 32 16.88 13.09 2.60
C GLY B 32 17.95 13.19 3.67
N LEU B 33 18.28 12.08 4.34
CA LEU B 33 19.31 12.13 5.42
C LEU B 33 20.70 12.25 4.81
N GLY B 34 20.87 11.99 3.49
CA GLY B 34 22.07 12.41 2.75
C GLY B 34 23.32 11.59 3.08
N GLU B 35 23.19 10.37 3.62
CA GLU B 35 24.31 9.60 4.17
C GLU B 35 24.63 8.41 3.28
N CYS B 36 25.73 8.44 2.53
CA CYS B 36 25.99 7.37 1.54
C CYS B 36 26.60 6.10 2.14
N GLN B 37 26.96 6.07 3.43
CA GLN B 37 27.44 4.78 3.99
C GLN B 37 26.30 3.75 3.99
N MET B 38 25.05 4.19 3.97
CA MET B 38 23.90 3.25 3.88
C MET B 38 24.01 2.37 2.61
N PHE B 39 24.77 2.77 1.60
CA PHE B 39 24.92 1.99 0.35
C PHE B 39 26.12 1.03 0.37
N ASP B 40 26.89 1.01 1.44
CA ASP B 40 28.27 0.40 1.42
C ASP B 40 28.22 -1.03 0.85
N SER B 41 27.43 -1.89 1.44
CA SER B 41 27.34 -3.32 1.02
C SER B 41 26.86 -3.42 -0.44
N SER B 42 25.84 -2.65 -0.78
N SER B 42 25.84 -2.65 -0.78
CA SER B 42 25.25 -2.76 -2.12
CA SER B 42 25.24 -2.75 -2.13
C SER B 42 26.23 -2.23 -3.18
C SER B 42 26.22 -2.22 -3.20
N VAL B 43 27.03 -1.20 -2.88
CA VAL B 43 28.00 -0.63 -3.84
C VAL B 43 28.92 -1.76 -4.32
N SER B 44 29.45 -2.56 -3.39
CA SER B 44 30.37 -3.69 -3.76
C SER B 44 29.65 -4.76 -4.59
N GLN B 45 28.42 -5.09 -4.22
CA GLN B 45 27.66 -6.12 -4.91
C GLN B 45 27.30 -5.66 -6.31
N ILE B 46 26.91 -4.40 -6.47
CA ILE B 46 26.57 -3.89 -7.81
C ILE B 46 27.85 -3.82 -8.68
N ALA B 47 28.91 -3.26 -8.14
CA ALA B 47 30.17 -3.03 -8.91
C ALA B 47 30.72 -4.39 -9.40
N ALA B 48 30.56 -5.44 -8.60
CA ALA B 48 31.08 -6.79 -8.93
C ALA B 48 30.36 -7.36 -10.16
N GLN B 49 29.22 -6.77 -10.61
CA GLN B 49 28.52 -7.28 -11.82
C GLN B 49 28.96 -6.51 -13.04
N GLY B 50 29.99 -5.68 -12.97
CA GLY B 50 30.55 -5.00 -14.18
C GLY B 50 30.05 -3.58 -14.35
N PHE B 51 29.92 -2.85 -13.26
CA PHE B 51 29.44 -1.44 -13.28
C PHE B 51 30.40 -0.55 -12.48
N ARG B 52 30.51 0.70 -12.88
CA ARG B 52 31.17 1.71 -12.06
C ARG B 52 30.08 2.38 -11.21
N VAL B 53 30.15 2.21 -9.90
CA VAL B 53 29.12 2.69 -8.97
C VAL B 53 29.69 3.91 -8.26
N THR B 54 28.95 5.02 -8.28
CA THR B 54 29.31 6.24 -7.56
C THR B 54 28.19 6.59 -6.56
N THR B 55 28.58 7.05 -5.39
CA THR B 55 27.62 7.63 -4.44
C THR B 55 28.32 8.75 -3.69
N PHE B 56 27.57 9.46 -2.88
CA PHE B 56 28.11 10.69 -2.24
C PHE B 56 27.17 11.07 -1.12
N ASP B 57 27.70 11.77 -0.13
CA ASP B 57 26.83 12.45 0.84
C ASP B 57 26.21 13.68 0.19
N MET B 58 25.01 14.03 0.61
CA MET B 58 24.29 15.14 -0.06
C MET B 58 24.72 16.48 0.57
N PRO B 59 24.54 17.59 -0.15
CA PRO B 59 25.04 18.89 0.35
C PRO B 59 24.49 19.26 1.72
N GLY B 60 25.38 19.70 2.62
CA GLY B 60 24.99 20.05 3.99
C GLY B 60 25.00 18.86 4.94
N MET B 61 25.05 17.64 4.43
CA MET B 61 24.86 16.43 5.23
C MET B 61 26.17 15.66 5.35
N SER B 62 26.36 15.02 6.50
CA SER B 62 27.46 14.10 6.77
C SER B 62 28.77 14.73 6.29
N ARG B 63 29.48 14.07 5.42
CA ARG B 63 30.85 14.52 5.00
C ARG B 63 30.82 15.52 3.85
N SER B 64 29.66 15.87 3.35
CA SER B 64 29.45 16.91 2.32
C SER B 64 28.91 18.17 2.99
N ALA B 65 29.19 18.38 4.27
CA ALA B 65 28.58 19.51 5.00
C ALA B 65 29.21 20.86 4.59
N LYS B 66 30.38 20.86 3.96
CA LYS B 66 31.01 22.12 3.53
C LYS B 66 30.31 22.56 2.25
N ALA B 67 29.29 23.38 2.39
CA ALA B 67 28.42 23.77 1.27
C ALA B 67 27.73 25.06 1.63
N PRO B 68 27.32 25.86 0.62
CA PRO B 68 26.55 27.07 0.88
C PRO B 68 25.17 26.76 1.42
N ALA B 69 24.65 27.65 2.26
CA ALA B 69 23.34 27.47 2.92
C ALA B 69 22.22 27.25 1.91
N GLU B 70 22.31 27.86 0.72
CA GLU B 70 21.29 27.69 -0.32
C GLU B 70 21.10 26.19 -0.66
N THR B 71 22.16 25.40 -0.56
CA THR B 71 22.15 23.98 -1.04
C THR B 71 21.46 23.07 -0.03
N TYR B 72 21.15 23.52 1.18
CA TYR B 72 20.48 22.68 2.21
C TYR B 72 19.34 23.41 2.89
N THR B 73 18.89 24.53 2.31
CA THR B 73 17.69 25.25 2.77
C THR B 73 16.76 25.42 1.56
N GLU B 74 15.48 25.39 1.82
CA GLU B 74 14.43 25.51 0.78
C GLU B 74 14.77 24.57 -0.37
N VAL B 75 15.01 23.32 -0.01
CA VAL B 75 15.52 22.33 -0.97
C VAL B 75 14.36 21.87 -1.84
N THR B 76 14.62 21.73 -3.12
CA THR B 76 13.65 21.24 -4.13
C THR B 76 14.31 20.15 -4.95
N ALA B 77 13.49 19.33 -5.59
CA ALA B 77 14.02 18.27 -6.48
C ALA B 77 14.91 18.90 -7.56
N GLN B 78 14.53 20.08 -8.03
CA GLN B 78 15.24 20.74 -9.15
C GLN B 78 16.60 21.27 -8.68
N LYS B 79 16.67 21.79 -7.45
CA LYS B 79 17.99 22.19 -6.90
C LYS B 79 18.87 20.96 -6.75
N LEU B 80 18.33 19.88 -6.17
CA LEU B 80 19.16 18.67 -5.98
C LEU B 80 19.60 18.11 -7.30
N ALA B 81 18.75 18.11 -8.33
CA ALA B 81 19.15 17.57 -9.63
C ALA B 81 20.32 18.41 -10.18
N SER B 82 20.24 19.73 -10.03
CA SER B 82 21.36 20.59 -10.51
C SER B 82 22.65 20.26 -9.75
N TYR B 83 22.56 19.99 -8.45
CA TYR B 83 23.76 19.63 -7.66
C TYR B 83 24.30 18.29 -8.14
N VAL B 84 23.41 17.30 -8.34
CA VAL B 84 23.93 15.98 -8.78
C VAL B 84 24.62 16.12 -10.14
N ILE B 85 24.02 16.86 -11.05
CA ILE B 85 24.68 17.07 -12.37
C ILE B 85 26.08 17.68 -12.17
N SER B 86 26.21 18.60 -11.22
CA SER B 86 27.51 19.26 -10.94
C SER B 86 28.55 18.23 -10.52
N ILE B 87 28.21 17.27 -9.66
CA ILE B 87 29.24 16.27 -9.27
C ILE B 87 29.51 15.31 -10.42
N LEU B 88 28.49 14.91 -11.17
CA LEU B 88 28.68 14.01 -12.33
C LEU B 88 29.62 14.70 -13.35
N ASP B 89 29.44 15.99 -13.56
CA ASP B 89 30.34 16.79 -14.45
C ASP B 89 31.76 16.73 -13.88
N ALA B 90 31.94 16.97 -12.58
CA ALA B 90 33.29 16.99 -11.96
C ALA B 90 33.95 15.62 -12.06
N LEU B 91 33.18 14.52 -12.05
CA LEU B 91 33.72 13.16 -12.06
C LEU B 91 33.75 12.61 -13.48
N ASP B 92 33.35 13.42 -14.47
CA ASP B 92 33.40 13.02 -15.89
C ASP B 92 32.50 11.79 -16.10
N ILE B 93 31.34 11.77 -15.43
CA ILE B 93 30.27 10.74 -15.68
C ILE B 93 29.30 11.35 -16.68
N LYS B 94 29.36 10.92 -17.93
CA LYS B 94 28.54 11.52 -19.00
C LYS B 94 27.14 10.89 -19.06
N HIS B 95 27.05 9.59 -18.91
N HIS B 95 27.03 9.59 -18.85
CA HIS B 95 25.79 8.82 -19.03
CA HIS B 95 25.77 8.80 -19.03
C HIS B 95 25.69 7.98 -17.76
C HIS B 95 25.63 7.88 -17.84
N ALA B 96 24.56 8.08 -17.06
CA ALA B 96 24.42 7.32 -15.79
C ALA B 96 23.02 6.75 -15.64
N THR B 97 22.99 5.59 -15.03
CA THR B 97 21.78 5.04 -14.38
C THR B 97 21.77 5.67 -12.99
N VAL B 98 20.59 6.05 -12.51
CA VAL B 98 20.47 6.70 -11.18
C VAL B 98 19.40 5.99 -10.37
N TRP B 99 19.64 5.94 -9.08
CA TRP B 99 18.70 5.43 -8.05
C TRP B 99 18.49 6.53 -7.03
N GLY B 100 17.25 6.68 -6.57
CA GLY B 100 17.04 7.50 -5.39
C GLY B 100 15.74 7.18 -4.68
N CYS B 101 15.79 7.32 -3.38
CA CYS B 101 14.68 7.21 -2.42
C CYS B 101 14.31 8.60 -1.90
N SER B 102 13.03 8.81 -1.64
CA SER B 102 12.54 10.01 -0.94
C SER B 102 12.88 11.26 -1.73
N SER B 103 13.55 12.25 -1.12
CA SER B 103 14.03 13.43 -1.90
C SER B 103 14.99 12.98 -3.02
N GLY B 104 15.69 11.86 -2.84
CA GLY B 104 16.53 11.31 -3.92
C GLY B 104 15.66 10.81 -5.07
N ALA B 105 14.46 10.30 -4.76
CA ALA B 105 13.50 9.84 -5.80
C ALA B 105 13.05 11.07 -6.60
N SER B 106 12.68 12.14 -5.90
CA SER B 106 12.28 13.36 -6.58
C SER B 106 13.45 13.86 -7.45
N THR B 107 14.66 13.78 -6.92
CA THR B 107 15.90 14.19 -7.64
C THR B 107 16.07 13.38 -8.92
N VAL B 108 15.97 12.04 -8.84
CA VAL B 108 16.29 11.21 -10.05
C VAL B 108 15.23 11.42 -11.12
N VAL B 109 13.96 11.64 -10.75
CA VAL B 109 12.93 11.95 -11.76
C VAL B 109 13.22 13.33 -12.38
N ALA B 110 13.56 14.31 -11.59
CA ALA B 110 13.98 15.63 -12.11
C ALA B 110 15.20 15.48 -13.01
N LEU B 111 16.12 14.60 -12.67
CA LEU B 111 17.31 14.37 -13.53
C LEU B 111 16.88 13.80 -14.86
N LEU B 112 16.01 12.77 -14.83
CA LEU B 112 15.65 12.09 -16.09
C LEU B 112 14.90 13.07 -16.99
N LEU B 113 14.00 13.86 -16.43
CA LEU B 113 13.18 14.80 -17.23
C LEU B 113 14.04 15.98 -17.68
N GLY B 114 14.94 16.46 -16.83
CA GLY B 114 15.66 17.71 -17.11
C GLY B 114 16.91 17.49 -17.93
N TYR B 115 17.54 16.32 -17.85
CA TYR B 115 18.85 16.04 -18.44
C TYR B 115 18.77 14.69 -19.15
N PRO B 116 17.87 14.54 -20.13
CA PRO B 116 17.62 13.22 -20.74
C PRO B 116 18.84 12.62 -21.42
N ASP B 117 19.68 13.48 -21.98
N ASP B 117 19.72 13.45 -21.98
CA ASP B 117 20.97 13.08 -22.63
CA ASP B 117 20.96 12.94 -22.65
C ASP B 117 21.91 12.42 -21.59
C ASP B 117 21.98 12.46 -21.60
N ARG B 118 21.76 12.72 -20.31
CA ARG B 118 22.73 12.30 -19.26
C ARG B 118 22.26 11.02 -18.54
N ILE B 119 20.99 10.70 -18.61
CA ILE B 119 20.39 9.65 -17.73
C ILE B 119 19.90 8.50 -18.60
N ARG B 120 20.51 7.34 -18.43
CA ARG B 120 20.15 6.11 -19.13
C ARG B 120 18.77 5.67 -18.65
N ASN B 121 18.56 5.67 -17.35
CA ASN B 121 17.30 5.19 -16.71
C ASN B 121 17.37 5.61 -15.25
N ALA B 122 16.22 5.78 -14.65
CA ALA B 122 16.09 6.19 -13.26
C ALA B 122 15.21 5.18 -12.52
N MET B 123 15.64 4.86 -11.30
CA MET B 123 14.87 4.06 -10.34
C MET B 123 14.48 4.98 -9.19
N CYS B 124 13.16 5.17 -9.00
CA CYS B 124 12.68 6.04 -7.91
C CYS B 124 11.95 5.16 -6.90
N HIS B 125 12.17 5.45 -5.63
CA HIS B 125 11.56 4.71 -4.53
C HIS B 125 10.91 5.69 -3.56
N GLU B 126 9.62 5.49 -3.29
CA GLU B 126 8.90 6.25 -2.24
C GLU B 126 9.16 7.77 -2.37
N LEU B 127 8.53 8.36 -3.35
CA LEU B 127 8.73 9.77 -3.73
C LEU B 127 7.67 10.60 -3.00
N PRO B 128 8.06 11.56 -2.18
CA PRO B 128 7.13 12.29 -1.37
C PRO B 128 6.45 13.39 -2.18
N THR B 129 5.14 13.30 -2.28
CA THR B 129 4.34 14.32 -3.02
C THR B 129 3.40 15.11 -2.09
N LYS B 130 3.29 14.74 -0.84
CA LYS B 130 2.34 15.39 0.09
C LYS B 130 3.10 16.04 1.24
N LEU B 131 2.64 17.23 1.62
CA LEU B 131 3.12 17.84 2.87
C LEU B 131 2.61 17.04 4.05
N LEU B 132 3.43 16.94 5.09
CA LEU B 132 3.13 16.25 6.34
C LEU B 132 3.35 17.25 7.49
N ASP B 133 2.26 17.86 7.99
CA ASP B 133 2.39 18.96 8.96
C ASP B 133 3.20 18.54 10.20
N HIS B 134 3.00 17.31 10.68
N HIS B 134 3.00 17.32 10.70
CA HIS B 134 3.70 16.80 11.90
CA HIS B 134 3.73 16.89 11.93
C HIS B 134 5.21 16.77 11.66
C HIS B 134 5.24 16.88 11.64
N LEU B 135 5.63 16.48 10.43
CA LEU B 135 7.07 16.50 10.08
C LEU B 135 7.52 17.95 9.87
N SER B 136 6.82 18.74 9.06
CA SER B 136 7.21 20.16 8.83
C SER B 136 7.38 20.89 10.17
N ASN B 137 6.52 20.59 11.12
CA ASN B 137 6.49 21.34 12.42
C ASN B 137 7.72 21.02 13.27
N THR B 138 8.48 19.96 12.98
CA THR B 138 9.69 19.69 13.78
C THR B 138 10.71 20.82 13.58
N ALA B 139 10.61 21.62 12.50
CA ALA B 139 11.64 22.60 12.12
C ALA B 139 11.76 23.69 13.21
N VAL B 140 10.73 23.89 14.03
CA VAL B 140 10.73 25.01 15.01
C VAL B 140 11.34 24.53 16.33
N LEU B 141 11.61 23.23 16.48
CA LEU B 141 12.17 22.69 17.75
C LEU B 141 13.66 22.97 17.84
N GLU B 142 14.25 22.77 19.01
CA GLU B 142 15.73 22.84 19.20
C GLU B 142 16.40 21.64 18.47
N ASP B 143 17.64 21.83 18.05
CA ASP B 143 18.41 20.82 17.31
C ASP B 143 18.32 19.46 18.01
N GLU B 144 18.57 19.39 19.32
N GLU B 144 18.59 19.38 19.31
CA GLU B 144 18.67 18.10 20.03
CA GLU B 144 18.68 18.07 20.01
C GLU B 144 17.31 17.43 20.14
C GLU B 144 17.30 17.42 20.09
N GLU B 145 16.23 18.21 20.18
CA GLU B 145 14.88 17.64 20.20
C GLU B 145 14.61 17.06 18.79
N ILE B 146 14.99 17.78 17.73
CA ILE B 146 14.72 17.22 16.37
C ILE B 146 15.48 15.89 16.24
N SER B 147 16.76 15.90 16.59
CA SER B 147 17.63 14.70 16.44
C SER B 147 17.02 13.53 17.21
N ASN B 148 16.58 13.77 18.45
CA ASN B 148 15.98 12.69 19.27
C ASN B 148 14.71 12.16 18.59
N ILE B 149 13.80 13.03 18.19
CA ILE B 149 12.50 12.61 17.62
C ILE B 149 12.75 11.86 16.31
N LEU B 150 13.56 12.40 15.42
CA LEU B 150 13.70 11.79 14.08
C LEU B 150 14.57 10.52 14.14
N ALA B 151 15.50 10.43 15.08
CA ALA B 151 16.24 9.16 15.23
C ALA B 151 15.21 8.07 15.57
N ASN B 152 14.27 8.41 16.46
CA ASN B 152 13.24 7.45 16.91
C ASN B 152 12.33 7.06 15.74
N VAL B 153 11.90 8.06 14.96
CA VAL B 153 11.03 7.85 13.76
C VAL B 153 11.73 6.90 12.77
N MET B 154 12.99 7.17 12.47
CA MET B 154 13.69 6.38 11.44
C MET B 154 13.77 4.93 11.92
N LEU B 155 14.19 4.70 13.19
CA LEU B 155 14.33 3.32 13.68
C LEU B 155 12.96 2.62 13.70
N ASN B 156 11.96 3.22 14.30
CA ASN B 156 10.71 2.50 14.67
C ASN B 156 9.65 2.54 13.55
N ASP B 157 9.63 3.56 12.72
CA ASP B 157 8.51 3.76 11.75
C ASP B 157 8.91 3.40 10.33
N VAL B 158 10.13 3.69 9.86
CA VAL B 158 10.40 3.63 8.40
C VAL B 158 11.66 2.87 8.03
N SER B 159 12.43 2.35 9.00
CA SER B 159 13.71 1.65 8.69
C SER B 159 13.43 0.38 7.87
N GLY B 160 12.30 -0.28 8.11
CA GLY B 160 12.02 -1.56 7.49
C GLY B 160 12.85 -2.71 8.05
N GLY B 161 13.55 -2.50 9.16
CA GLY B 161 14.49 -3.52 9.70
C GLY B 161 15.30 -2.94 10.85
N SER B 162 14.83 -3.08 12.07
CA SER B 162 15.43 -2.37 13.23
C SER B 162 16.87 -2.88 13.45
N GLU B 163 17.12 -4.19 13.29
N GLU B 163 17.12 -4.19 13.29
CA GLU B 163 18.49 -4.76 13.54
CA GLU B 163 18.49 -4.75 13.54
C GLU B 163 19.48 -4.20 12.50
C GLU B 163 19.48 -4.17 12.50
N ALA B 164 19.12 -4.17 11.23
CA ALA B 164 19.99 -3.65 10.18
C ALA B 164 20.19 -2.14 10.42
N TRP B 165 19.12 -1.43 10.81
CA TRP B 165 19.25 0.03 11.02
C TRP B 165 20.24 0.35 12.15
N GLN B 166 20.08 -0.34 13.25
CA GLN B 166 21.01 -0.13 14.40
C GLN B 166 22.41 -0.59 14.03
N ALA B 167 22.54 -1.63 13.22
CA ALA B 167 23.85 -2.17 12.84
C ALA B 167 24.61 -1.21 11.89
N LEU B 168 24.00 -0.14 11.40
CA LEU B 168 24.77 0.91 10.69
C LEU B 168 25.92 1.38 11.59
N GLY B 169 25.72 1.41 12.90
CA GLY B 169 26.81 1.64 13.86
C GLY B 169 26.94 3.07 14.30
N VAL B 170 27.72 3.25 15.35
CA VAL B 170 27.82 4.55 16.03
C VAL B 170 28.30 5.63 15.09
N GLU B 171 29.30 5.36 14.23
CA GLU B 171 29.86 6.44 13.39
C GLU B 171 28.76 6.99 12.45
N VAL B 172 27.99 6.11 11.83
CA VAL B 172 26.90 6.54 10.93
C VAL B 172 25.83 7.27 11.73
N HIS B 173 25.40 6.71 12.85
CA HIS B 173 24.29 7.31 13.63
C HIS B 173 24.72 8.67 14.17
N ALA B 174 25.99 8.84 14.51
CA ALA B 174 26.50 10.16 14.96
C ALA B 174 26.43 11.18 13.82
N ARG B 175 26.69 10.76 12.58
CA ARG B 175 26.53 11.66 11.43
C ARG B 175 25.04 11.97 11.24
N LEU B 176 24.19 10.93 11.28
CA LEU B 176 22.73 11.16 11.08
C LEU B 176 22.22 12.13 12.13
N HIS B 177 22.70 12.02 13.36
CA HIS B 177 22.21 12.84 14.48
C HIS B 177 22.41 14.33 14.15
N LYS B 178 23.53 14.68 13.55
CA LYS B 178 23.80 16.06 13.12
C LYS B 178 23.00 16.44 11.87
N ASN B 179 22.67 15.47 11.03
CA ASN B 179 21.88 15.77 9.81
C ASN B 179 20.42 16.01 10.11
N TYR B 180 19.84 15.44 11.15
CA TYR B 180 18.37 15.52 11.35
C TYR B 180 17.87 16.97 11.35
N PRO B 181 18.51 17.91 12.06
CA PRO B 181 18.01 19.29 12.06
C PRO B 181 18.17 19.95 10.67
N VAL B 182 19.22 19.60 9.95
CA VAL B 182 19.46 20.19 8.61
C VAL B 182 18.35 19.70 7.70
N PHE B 183 18.10 18.40 7.74
CA PHE B 183 16.98 17.80 6.97
C PHE B 183 15.65 18.45 7.37
N ALA B 184 15.37 18.53 8.67
CA ALA B 184 14.05 18.97 9.15
C ALA B 184 13.80 20.43 8.69
N ARG B 185 14.81 21.29 8.76
N ARG B 185 14.83 21.28 8.73
CA ARG B 185 14.63 22.72 8.40
CA ARG B 185 14.65 22.72 8.40
C ARG B 185 14.56 22.89 6.88
C ARG B 185 14.86 23.02 6.90
N GLY B 186 15.22 22.03 6.09
CA GLY B 186 15.52 22.26 4.67
C GLY B 186 14.59 21.53 3.69
N TYR B 187 13.97 20.43 4.09
CA TYR B 187 13.38 19.47 3.12
C TYR B 187 11.86 19.40 3.18
N PRO B 188 11.21 19.12 4.31
CA PRO B 188 9.81 18.70 4.30
C PRO B 188 8.83 19.75 3.79
N ARG B 189 9.14 21.05 3.89
CA ARG B 189 8.19 22.10 3.45
C ARG B 189 8.29 22.36 1.95
N THR B 190 9.41 22.05 1.30
CA THR B 190 9.73 22.49 -0.05
C THR B 190 9.89 21.27 -0.98
N ILE B 191 10.29 20.09 -0.45
CA ILE B 191 10.42 18.94 -1.37
C ILE B 191 9.08 18.53 -1.98
N PRO B 192 8.00 18.29 -1.20
CA PRO B 192 6.79 17.73 -1.80
C PRO B 192 6.15 18.58 -2.88
N PRO B 193 6.06 19.92 -2.71
CA PRO B 193 5.53 20.74 -3.81
C PRO B 193 6.38 20.70 -5.08
N SER B 194 7.69 20.37 -4.98
CA SER B 194 8.60 20.37 -6.14
C SER B 194 8.48 19.03 -6.90
N ALA B 195 7.64 18.11 -6.43
CA ALA B 195 7.61 16.74 -7.00
C ALA B 195 7.38 16.78 -8.51
N PRO B 196 8.28 16.23 -9.33
CA PRO B 196 8.19 16.37 -10.78
C PRO B 196 7.27 15.33 -11.43
N VAL B 197 6.23 14.95 -10.74
CA VAL B 197 5.30 13.87 -11.15
C VAL B 197 3.90 14.46 -11.23
N GLN B 198 3.76 15.77 -11.32
N GLN B 198 3.77 15.78 -11.27
CA GLN B 198 2.44 16.45 -11.45
CA GLN B 198 2.46 16.46 -11.46
C GLN B 198 1.96 16.46 -12.93
C GLN B 198 1.96 16.33 -12.92
N ASP B 199 2.88 16.32 -13.88
CA ASP B 199 2.56 16.17 -15.31
C ASP B 199 2.74 14.68 -15.70
N VAL B 200 1.67 13.95 -15.69
CA VAL B 200 1.68 12.48 -15.90
C VAL B 200 2.10 12.17 -17.32
N GLU B 201 1.66 12.95 -18.32
CA GLU B 201 2.06 12.72 -19.70
C GLU B 201 3.57 12.90 -19.90
N ALA B 202 4.23 13.70 -19.10
CA ALA B 202 5.69 13.90 -19.23
C ALA B 202 6.42 12.60 -18.81
N LEU B 203 5.80 11.77 -17.99
CA LEU B 203 6.42 10.49 -17.50
C LEU B 203 6.24 9.40 -18.52
N ARG B 204 5.20 9.48 -19.34
CA ARG B 204 4.82 8.35 -20.22
C ARG B 204 5.96 8.05 -21.18
N GLY B 205 6.35 6.78 -21.25
CA GLY B 205 7.38 6.28 -22.17
C GLY B 205 8.78 6.50 -21.67
N LYS B 206 8.97 7.12 -20.50
CA LYS B 206 10.32 7.44 -20.02
C LYS B 206 10.92 6.20 -19.36
N PRO B 207 12.27 6.05 -19.40
CA PRO B 207 12.95 4.88 -18.81
C PRO B 207 13.03 5.00 -17.29
N LEU B 208 11.87 4.85 -16.65
CA LEU B 208 11.67 5.07 -15.20
C LEU B 208 11.14 3.75 -14.62
N ASP B 209 11.71 3.32 -13.51
CA ASP B 209 11.22 2.15 -12.76
C ASP B 209 10.98 2.59 -11.30
N TRP B 210 9.75 2.39 -10.83
CA TRP B 210 9.27 2.99 -9.57
C TRP B 210 9.02 1.85 -8.59
N THR B 211 9.45 2.02 -7.36
CA THR B 211 9.15 1.04 -6.29
C THR B 211 8.59 1.73 -5.04
N VAL B 212 7.87 0.95 -4.24
CA VAL B 212 7.45 1.25 -2.88
C VAL B 212 7.83 0.07 -2.00
N GLY B 213 8.03 0.31 -0.71
CA GLY B 213 8.35 -0.78 0.20
C GLY B 213 7.18 -1.68 0.43
N ALA B 214 7.39 -2.99 0.41
CA ALA B 214 6.32 -3.98 0.63
C ALA B 214 5.66 -3.83 1.99
N ALA B 215 6.39 -3.45 3.02
CA ALA B 215 5.87 -3.36 4.40
C ALA B 215 5.40 -1.95 4.72
N THR B 216 5.67 -0.97 3.87
CA THR B 216 5.26 0.40 4.11
C THR B 216 3.74 0.40 4.19
N PRO B 217 3.16 1.13 5.14
CA PRO B 217 1.70 1.24 5.21
C PRO B 217 1.16 1.79 3.89
N THR B 218 0.06 1.20 3.42
CA THR B 218 -0.49 1.58 2.09
C THR B 218 -0.66 3.08 1.94
N GLU B 219 -1.08 3.78 2.99
N GLU B 219 -1.10 3.76 2.98
CA GLU B 219 -1.39 5.23 2.84
CA GLU B 219 -1.37 5.23 2.89
C GLU B 219 -0.13 6.05 2.52
C GLU B 219 -0.12 6.00 2.44
N SER B 220 1.07 5.59 2.88
CA SER B 220 2.29 6.43 2.76
C SER B 220 2.58 6.79 1.31
N PHE B 221 2.54 5.82 0.41
CA PHE B 221 2.91 6.04 -1.00
C PHE B 221 1.86 5.47 -1.93
N PHE B 222 0.61 5.44 -1.44
CA PHE B 222 -0.56 5.15 -2.28
C PHE B 222 -0.50 5.97 -3.56
N ASP B 223 -0.21 7.26 -3.43
CA ASP B 223 -0.26 8.20 -4.57
C ASP B 223 0.81 7.82 -5.61
N ASN B 224 1.94 7.25 -5.20
CA ASN B 224 2.99 6.85 -6.14
C ASN B 224 2.43 5.73 -7.02
N ILE B 225 1.71 4.78 -6.43
CA ILE B 225 1.20 3.62 -7.20
C ILE B 225 0.21 4.14 -8.26
N VAL B 226 -0.68 5.04 -7.85
CA VAL B 226 -1.70 5.61 -8.73
C VAL B 226 -1.01 6.38 -9.87
N THR B 227 -0.09 7.30 -9.52
CA THR B 227 0.61 8.08 -10.54
C THR B 227 1.35 7.19 -11.53
N ALA B 228 2.13 6.21 -11.04
CA ALA B 228 2.94 5.36 -11.91
C ALA B 228 1.98 4.63 -12.87
N THR B 229 0.89 4.09 -12.33
CA THR B 229 -0.05 3.30 -13.15
C THR B 229 -0.70 4.21 -14.21
N LYS B 230 -1.08 5.42 -13.86
CA LYS B 230 -1.69 6.38 -14.81
C LYS B 230 -0.68 6.69 -15.93
N ALA B 231 0.62 6.72 -15.62
CA ALA B 231 1.69 7.05 -16.59
C ALA B 231 2.16 5.84 -17.39
N GLY B 232 1.72 4.64 -17.06
CA GLY B 232 2.21 3.41 -17.66
C GLY B 232 3.62 3.04 -17.23
N VAL B 233 4.14 3.64 -16.16
CA VAL B 233 5.52 3.42 -15.64
C VAL B 233 5.53 2.11 -14.85
N ASN B 234 6.57 1.32 -15.03
N ASN B 234 6.57 1.31 -15.03
CA ASN B 234 6.84 0.08 -14.26
CA ASN B 234 6.79 0.04 -14.29
C ASN B 234 6.79 0.44 -12.78
C ASN B 234 6.83 0.38 -12.80
N ILE B 235 5.95 -0.25 -12.02
CA ILE B 235 5.79 0.00 -10.56
C ILE B 235 5.78 -1.35 -9.89
N GLY B 236 6.57 -1.48 -8.83
CA GLY B 236 6.65 -2.74 -8.11
C GLY B 236 7.11 -2.51 -6.69
N LEU B 237 7.43 -3.61 -6.02
CA LEU B 237 7.76 -3.52 -4.59
C LEU B 237 9.18 -4.00 -4.35
N LEU B 238 9.80 -3.45 -3.34
CA LEU B 238 11.02 -4.03 -2.73
C LEU B 238 10.66 -4.42 -1.32
N PRO B 239 11.39 -5.39 -0.74
CA PRO B 239 11.16 -5.72 0.65
C PRO B 239 11.50 -4.54 1.57
N GLY B 240 10.89 -4.54 2.74
CA GLY B 240 11.14 -3.52 3.75
C GLY B 240 10.31 -2.28 3.50
N MET B 241 10.85 -1.14 3.90
CA MET B 241 10.10 0.12 3.87
C MET B 241 10.90 1.17 3.10
N HIS B 242 11.43 2.14 3.79
CA HIS B 242 11.97 3.32 3.10
C HIS B 242 13.45 3.12 2.73
N PHE B 243 14.14 2.17 3.34
CA PHE B 243 15.61 2.05 3.17
C PHE B 243 15.97 0.63 2.74
N PRO B 244 15.54 0.17 1.54
CA PRO B 244 15.80 -1.22 1.16
C PRO B 244 17.28 -1.52 1.06
N TYR B 245 18.10 -0.51 0.79
CA TYR B 245 19.57 -0.71 0.70
C TYR B 245 20.17 -0.98 2.08
N VAL B 246 19.47 -0.58 3.16
CA VAL B 246 19.89 -0.93 4.54
C VAL B 246 19.25 -2.26 4.93
N SER B 247 17.93 -2.38 4.80
CA SER B 247 17.21 -3.53 5.35
C SER B 247 17.51 -4.80 4.55
N HIS B 248 17.65 -4.70 3.23
CA HIS B 248 17.76 -5.88 2.34
C HIS B 248 18.78 -5.59 1.26
N PRO B 249 20.04 -5.38 1.64
CA PRO B 249 21.05 -4.87 0.69
C PRO B 249 21.28 -5.79 -0.51
N ASP B 250 21.18 -7.10 -0.34
CA ASP B 250 21.38 -8.07 -1.45
C ASP B 250 20.23 -8.00 -2.47
N VAL B 251 19.00 -7.91 -1.99
CA VAL B 251 17.83 -7.77 -2.89
C VAL B 251 17.92 -6.41 -3.60
N PHE B 252 18.26 -5.36 -2.87
CA PHE B 252 18.42 -4.03 -3.45
C PHE B 252 19.44 -4.07 -4.58
N ALA B 253 20.59 -4.66 -4.29
CA ALA B 253 21.68 -4.74 -5.30
C ALA B 253 21.20 -5.50 -6.52
N LYS B 254 20.51 -6.61 -6.33
CA LYS B 254 20.04 -7.43 -7.47
C LYS B 254 19.03 -6.63 -8.30
N TYR B 255 18.19 -5.87 -7.65
CA TYR B 255 17.21 -5.04 -8.34
C TYR B 255 17.94 -4.00 -9.20
N VAL B 256 18.88 -3.28 -8.61
CA VAL B 256 19.61 -2.25 -9.36
C VAL B 256 20.33 -2.87 -10.57
N VAL B 257 21.00 -3.99 -10.35
CA VAL B 257 21.75 -4.67 -11.44
C VAL B 257 20.77 -5.13 -12.51
N GLU B 258 19.67 -5.81 -12.15
CA GLU B 258 18.76 -6.36 -13.17
C GLU B 258 18.08 -5.22 -13.92
N THR B 259 17.66 -4.15 -13.22
CA THR B 259 17.01 -3.02 -13.91
C THR B 259 18.00 -2.32 -14.88
N THR B 260 19.25 -2.11 -14.49
CA THR B 260 20.25 -1.48 -15.36
C THR B 260 20.46 -2.40 -16.57
N GLN B 261 20.59 -3.70 -16.33
CA GLN B 261 20.79 -4.68 -17.45
C GLN B 261 19.61 -4.64 -18.43
N LYS B 262 18.38 -4.55 -17.94
CA LYS B 262 17.17 -4.45 -18.79
C LYS B 262 17.29 -3.20 -19.67
N HIS B 263 17.71 -2.07 -19.13
CA HIS B 263 17.81 -0.82 -19.94
C HIS B 263 19.03 -0.86 -20.89
N LEU B 264 20.09 -1.56 -20.55
CA LEU B 264 21.24 -1.67 -21.46
C LEU B 264 20.79 -2.52 -22.67
N TRP B 265 19.96 -3.53 -22.45
CA TRP B 265 19.47 -4.42 -23.55
C TRP B 265 18.55 -3.57 -24.42
N ASN B 266 17.60 -2.88 -23.81
CA ASN B 266 16.61 -2.05 -24.55
C ASN B 266 17.31 -0.92 -25.29
N SER B 267 18.39 -0.34 -24.75
CA SER B 267 19.20 0.74 -25.41
C SER B 267 19.73 0.23 -26.76
N SER B 268 20.30 -0.99 -26.80
CA SER B 268 20.87 -1.56 -28.04
C SER B 268 19.72 -1.91 -29.01
N SER B 269 18.59 -2.40 -28.51
CA SER B 269 17.44 -2.85 -29.35
C SER B 269 16.71 -1.62 -29.91
CAO ZHB C . -6.72 -12.96 6.99
CAO ZHB C . -6.84 -10.03 5.74
CAL ZHB C . -8.12 -13.28 6.50
CAL ZHB C . -8.14 -10.71 5.27
CAM ZHB C . -8.96 -12.01 6.41
CAM ZHB C . -8.83 -11.64 6.29
CAV ZHB C . -10.19 -12.38 5.63
CAV ZHB C . -10.07 -12.31 5.68
CAA ZHB C . -11.09 -13.18 6.55
CAA ZHB C . -10.81 -13.10 6.76
OAP ZHB C . -9.80 -13.19 4.49
OAP ZHB C . -9.73 -13.22 4.61
CAQ ZHB C . -10.63 -13.50 3.45
CAQ ZHB C . -10.54 -13.54 3.55
OAB ZHB C . -11.88 -13.48 3.42
OAB ZHB C . -11.80 -13.50 3.51
CAU ZHB C . -9.88 -14.10 2.35
CAU ZHB C . -9.78 -14.13 2.44
CAS ZHB C . -10.57 -14.94 1.50
CAS ZHB C . -10.53 -14.86 1.51
OAD ZHB C . -11.87 -15.07 1.66
OAD ZHB C . -11.85 -14.92 1.62
CAH ZHB C . -9.93 -15.64 0.51
CAH ZHB C . -9.93 -15.54 0.48
CAR ZHB C . -8.58 -15.47 0.34
CAR ZHB C . -8.56 -15.46 0.35
OAC ZHB C . -7.93 -16.17 -0.63
OAC ZHB C . -7.93 -16.15 -0.63
CAI ZHB C . -7.86 -14.67 1.16
CAI ZHB C . -7.80 -14.79 1.23
CAT ZHB C . -8.50 -14.00 2.19
CAT ZHB C . -8.34 -14.08 2.28
CAG ZHB C . -7.69 -13.08 2.95
CAG ZHB C . -7.37 -13.42 3.19
CAF ZHB C . -6.54 -12.64 2.40
CAF ZHB C . -6.02 -13.32 3.11
CAJ ZHB C . -5.72 -11.62 3.14
CAJ ZHB C . -5.23 -12.63 4.26
CAK ZHB C . -4.58 -12.34 3.91
CAK ZHB C . -4.57 -11.25 4.08
CAN ZHB C . -5.16 -13.18 5.05
CAN ZHB C . -5.52 -10.20 3.53
CAW ZHB C . -5.93 -12.21 5.91
CAW ZHB C . -6.09 -9.29 4.61
OAE ZHB C . -4.96 -11.36 6.53
OAE ZHB C . -4.98 -8.56 5.12
C1 GOL D . -4.18 -10.94 -0.65
O1 GOL D . -3.09 -10.24 -0.06
C2 GOL D . -3.84 -11.35 -2.05
O2 GOL D . -4.85 -12.27 -2.51
C3 GOL D . -3.59 -10.18 -3.00
O3 GOL D . -4.74 -9.61 -3.66
C1 GOL E . -19.72 -4.10 15.96
O1 GOL E . -20.60 -2.99 15.97
C2 GOL E . -18.28 -3.63 15.84
O2 GOL E . -17.88 -3.90 14.51
C3 GOL E . -17.98 -2.16 16.17
O3 GOL E . -16.59 -1.86 16.45
C1 GOL F . -20.21 -27.44 9.53
O1 GOL F . -19.05 -27.34 8.71
C2 GOL F . -21.00 -26.14 9.52
O2 GOL F . -20.65 -25.37 8.37
C3 GOL F . -22.49 -26.39 9.55
O3 GOL F . -22.97 -26.63 8.23
C1 GOL G . -25.10 5.16 -10.10
O1 GOL G . -23.95 5.93 -10.46
C2 GOL G . -25.58 4.22 -11.19
O2 GOL G . -26.12 4.94 -12.30
C3 GOL G . -26.66 3.29 -10.67
O3 GOL G . -26.44 1.93 -11.07
CAO ZHB H . 9.92 7.57 5.05
CAO ZHB H . 10.83 10.89 6.87
CAL ZHB H . 10.78 8.79 4.63
CAL ZHB H . 12.15 10.13 6.82
CAM ZHB H . 12.14 9.06 5.35
CAM ZHB H . 12.40 9.34 5.53
CAV ZHB H . 13.03 10.09 4.59
CAV ZHB H . 13.20 10.23 4.59
CAA ZHB H . 14.36 10.45 5.27
CAA ZHB H . 14.54 10.67 5.20
OAP ZHB H . 12.37 11.37 4.36
OAP ZHB H . 12.38 11.39 4.36
CAQ ZHB H . 12.66 12.14 3.29
CAQ ZHB H . 12.65 12.19 3.32
OAB ZHB H . 13.74 12.21 2.68
OAB ZHB H . 13.72 12.24 2.70
CAU ZHB H . 11.56 13.07 3.05
CAU ZHB H . 11.55 13.11 3.07
CAS ZHB H . 11.87 14.23 2.34
CAS ZHB H . 11.87 14.27 2.37
OAD ZHB H . 13.09 14.37 1.86
OAD ZHB H . 13.11 14.39 1.90
CAH ZHB H . 10.94 15.25 2.16
CAH ZHB H . 10.90 15.24 2.16
CAR ZHB H . 9.68 15.04 2.64
CAR ZHB H . 9.64 15.01 2.65
OAC ZHB H . 8.68 15.97 2.53
OAC ZHB H . 8.65 15.93 2.48
CAI ZHB H . 9.32 13.94 3.33
CAI ZHB H . 9.30 13.88 3.36
CAT ZHB H . 10.22 12.92 3.52
CAT ZHB H . 10.26 12.92 3.62
CAG ZHB H . 9.74 11.83 4.38
CAG ZHB H . 9.89 11.63 4.23
CAF ZHB H . 8.63 11.88 5.11
CAF ZHB H . 8.69 11.11 3.89
CAJ ZHB H . 8.26 10.74 6.03
CAJ ZHB H . 8.33 9.69 4.35
CAK ZHB H . 7.38 9.86 5.17
CAK ZHB H . 7.55 9.77 5.66
CAN ZHB H . 7.56 8.43 5.57
CAN ZHB H . 8.33 10.64 6.63
CAW ZHB H . 8.44 7.62 4.62
CAW ZHB H . 9.63 9.93 7.00
OAE ZHB H . 7.87 6.35 4.91
OAE ZHB H . 9.45 9.56 8.36
C1 GOL I . 3.08 11.14 0.15
O1 GOL I . 3.78 10.96 -1.08
C2 GOL I . 3.87 11.78 1.28
O2 GOL I . 4.67 12.91 0.87
C3 GOL I . 4.72 10.76 1.98
O3 GOL I . 3.93 9.89 2.77
C1 GOL J . 10.66 -1.41 12.95
O1 GOL J . 11.05 -2.74 13.29
C2 GOL J . 10.22 -1.35 11.51
O2 GOL J . 8.97 -2.03 11.32
C3 GOL J . 10.06 0.07 11.04
O3 GOL J . 10.08 0.08 9.62
#